data_5J1G
#
_entry.id   5J1G
#
_cell.length_a   45.680
_cell.length_b   115.940
_cell.length_c   64.800
_cell.angle_alpha   90.00
_cell.angle_beta   97.56
_cell.angle_gamma   90.00
#
_symmetry.space_group_name_H-M   'P 1 21 1'
#
loop_
_entity.id
_entity.type
_entity.pdbx_description
1 polymer Plectin
2 non-polymer 'PENTAETHYLENE GLYCOL'
3 non-polymer 1,2-ETHANEDIOL
4 water water
#
_entity_poly.entity_id   1
_entity_poly.type   'polypeptide(L)'
_entity_poly.pdbx_seq_one_letter_code
;GSHMQEESRCQRCISELKDIRLQLEACETRTVHRLRLPLDKEPARECAQRIAEQQKAQAEVEGLGKGVARLSAEAEKVLA
LPEPSPAAPTLRSELELTLGKLEQVRSLSAIYLEKLKTISLVIRGTQGAEEVLRAHEEQLKEAQAVPATLPELEATKASL
KKLRAQAEAQQPTFDALRDELRGAQEVGERLQQRHGERDVEVERWRERVAQLLERWQAVLAQTDVRQRELEQLG
;
_entity_poly.pdbx_strand_id   A,B
#
loop_
_chem_comp.id
_chem_comp.type
_chem_comp.name
_chem_comp.formula
1PE non-polymer 'PENTAETHYLENE GLYCOL' 'C10 H22 O6'
EDO non-polymer 1,2-ETHANEDIOL 'C2 H6 O2'
#
# COMPACT_ATOMS: atom_id res chain seq x y z
N GLN A 5 -42.97 22.85 54.44
CA GLN A 5 -43.59 22.62 53.13
C GLN A 5 -42.51 22.56 52.04
N GLU A 6 -41.99 23.71 51.65
CA GLU A 6 -40.92 23.76 50.66
C GLU A 6 -39.57 23.61 51.35
N GLU A 7 -38.72 22.74 50.83
CA GLU A 7 -37.41 22.56 51.44
C GLU A 7 -36.58 23.80 51.17
N SER A 8 -35.55 24.00 52.00
CA SER A 8 -34.69 25.17 51.84
C SER A 8 -33.90 25.03 50.56
N ARG A 9 -33.45 26.17 50.05
CA ARG A 9 -32.56 26.16 48.90
C ARG A 9 -31.23 25.48 49.25
N CYS A 10 -30.84 25.64 50.51
CA CYS A 10 -29.62 25.02 51.02
C CYS A 10 -29.70 23.51 50.93
N GLN A 11 -30.76 22.93 51.48
CA GLN A 11 -30.90 21.48 51.43
C GLN A 11 -31.05 20.98 49.96
N ARG A 12 -31.81 21.71 49.16
N ARG A 12 -31.81 21.71 49.15
CA ARG A 12 -32.01 21.32 47.76
CA ARG A 12 -32.00 21.32 47.76
C ARG A 12 -30.68 21.38 46.99
C ARG A 12 -30.68 21.37 47.00
N CYS A 13 -29.88 22.40 47.27
CA CYS A 13 -28.60 22.53 46.60
C CYS A 13 -27.64 21.40 47.04
N ILE A 14 -27.65 21.08 48.32
CA ILE A 14 -26.84 19.95 48.80
C ILE A 14 -27.25 18.67 48.06
N SER A 15 -28.55 18.43 47.96
N SER A 15 -28.56 18.45 47.96
CA SER A 15 -29.04 17.23 47.30
CA SER A 15 -29.11 17.26 47.32
C SER A 15 -28.60 17.17 45.83
C SER A 15 -28.73 17.17 45.84
N GLU A 16 -28.82 18.27 45.10
N GLU A 16 -28.77 18.29 45.15
CA GLU A 16 -28.46 18.32 43.69
CA GLU A 16 -28.48 18.32 43.71
C GLU A 16 -26.95 18.15 43.48
C GLU A 16 -26.96 18.21 43.44
N LEU A 17 -26.15 18.68 44.39
CA LEU A 17 -24.71 18.59 44.26
C LEU A 17 -24.28 17.12 44.42
N LYS A 18 -24.88 16.44 45.37
CA LYS A 18 -24.59 15.02 45.55
C LYS A 18 -25.00 14.23 44.32
N ASP A 19 -26.17 14.55 43.77
N ASP A 19 -26.17 14.55 43.76
CA ASP A 19 -26.69 13.85 42.60
CA ASP A 19 -26.68 13.82 42.60
C ASP A 19 -25.78 14.01 41.38
C ASP A 19 -25.79 14.01 41.37
N ILE A 20 -25.34 15.24 41.14
CA ILE A 20 -24.53 15.50 39.95
C ILE A 20 -23.13 14.93 40.14
N ARG A 21 -22.65 14.87 41.38
CA ARG A 21 -21.36 14.26 41.64
C ARG A 21 -21.43 12.75 41.38
N LEU A 22 -22.56 12.13 41.71
CA LEU A 22 -22.74 10.72 41.36
C LEU A 22 -22.74 10.49 39.83
N GLN A 23 -23.34 11.40 39.08
N GLN A 23 -23.37 11.40 39.10
CA GLN A 23 -23.33 11.26 37.63
CA GLN A 23 -23.36 11.33 37.64
C GLN A 23 -21.93 11.44 37.08
C GLN A 23 -21.92 11.39 37.14
N LEU A 24 -21.15 12.34 37.69
CA LEU A 24 -19.76 12.52 37.29
C LEU A 24 -18.94 11.26 37.61
N GLU A 25 -19.17 10.68 38.78
CA GLU A 25 -18.46 9.49 39.20
C GLU A 25 -18.80 8.33 38.28
N ALA A 26 -20.05 8.30 37.80
CA ALA A 26 -20.48 7.28 36.86
C ALA A 26 -19.78 7.47 35.51
N CYS A 27 -19.72 8.70 35.02
CA CYS A 27 -18.90 8.99 33.84
C CYS A 27 -17.47 8.50 34.06
N GLU A 28 -16.95 8.74 35.25
CA GLU A 28 -15.59 8.37 35.59
C GLU A 28 -15.37 6.86 35.49
N THR A 29 -16.22 6.10 36.16
CA THR A 29 -16.13 4.63 36.16
C THR A 29 -16.28 4.05 34.75
N ARG A 30 -17.21 4.62 33.99
CA ARG A 30 -17.43 4.24 32.60
C ARG A 30 -16.15 4.36 31.78
N THR A 31 -15.48 5.51 31.95
CA THR A 31 -14.26 5.80 31.25
C THR A 31 -13.14 4.85 31.65
N VAL A 32 -13.03 4.54 32.94
CA VAL A 32 -12.01 3.60 33.39
C VAL A 32 -12.23 2.23 32.77
N HIS A 33 -13.46 1.77 32.76
CA HIS A 33 -13.78 0.48 32.16
C HIS A 33 -13.46 0.42 30.67
N ARG A 34 -13.63 1.54 29.98
N ARG A 34 -13.58 1.54 29.98
CA ARG A 34 -13.32 1.62 28.55
CA ARG A 34 -13.30 1.54 28.54
C ARG A 34 -11.80 1.54 28.31
C ARG A 34 -11.80 1.57 28.27
N LEU A 35 -11.05 2.34 29.05
CA LEU A 35 -9.62 2.45 28.80
C LEU A 35 -8.90 1.17 29.24
N ARG A 36 -9.57 0.35 30.05
CA ARG A 36 -9.02 -0.95 30.47
C ARG A 36 -9.23 -2.04 29.44
N LEU A 37 -10.04 -1.75 28.42
CA LEU A 37 -10.40 -2.75 27.42
C LEU A 37 -9.45 -2.67 26.22
N PRO A 38 -8.63 -3.72 26.02
CA PRO A 38 -7.73 -3.65 24.86
C PRO A 38 -8.50 -3.73 23.54
N LEU A 39 -7.94 -3.16 22.49
CA LEU A 39 -8.51 -3.36 21.16
C LEU A 39 -8.47 -4.82 20.81
N ASP A 40 -9.43 -5.26 20.01
CA ASP A 40 -9.54 -6.66 19.60
C ASP A 40 -8.95 -6.92 18.20
N LYS A 41 -9.64 -7.68 17.35
CA LYS A 41 -9.06 -8.10 16.07
C LYS A 41 -9.36 -7.20 14.87
N GLU A 42 -10.02 -6.05 15.11
CA GLU A 42 -10.22 -5.04 14.07
C GLU A 42 -9.85 -3.68 14.61
N PRO A 43 -8.59 -3.50 14.97
CA PRO A 43 -8.15 -2.32 15.74
C PRO A 43 -8.43 -0.97 15.06
N ALA A 44 -8.24 -0.86 13.76
CA ALA A 44 -8.49 0.40 13.05
C ALA A 44 -9.95 0.84 13.22
N ARG A 45 -10.86 -0.04 12.84
CA ARG A 45 -12.28 0.23 12.96
C ARG A 45 -12.69 0.47 14.42
N GLU A 46 -12.27 -0.41 15.32
CA GLU A 46 -12.65 -0.26 16.73
C GLU A 46 -12.15 1.05 17.29
N CYS A 47 -10.94 1.44 16.92
CA CYS A 47 -10.35 2.63 17.50
C CYS A 47 -11.11 3.87 17.03
N ALA A 48 -11.49 3.88 15.76
CA ALA A 48 -12.26 5.03 15.23
C ALA A 48 -13.61 5.16 15.95
N GLN A 49 -14.25 4.01 16.16
CA GLN A 49 -15.54 3.93 16.85
C GLN A 49 -15.44 4.39 18.31
N ARG A 50 -14.39 3.96 18.99
CA ARG A 50 -14.18 4.34 20.37
C ARG A 50 -13.82 5.83 20.50
N ILE A 51 -13.11 6.36 19.52
CA ILE A 51 -12.83 7.79 19.51
C ILE A 51 -14.14 8.58 19.41
N ALA A 52 -15.03 8.16 18.51
CA ALA A 52 -16.32 8.81 18.33
C ALA A 52 -17.11 8.79 19.62
N GLU A 53 -17.13 7.63 20.24
CA GLU A 53 -17.83 7.40 21.51
C GLU A 53 -17.26 8.27 22.64
N GLN A 54 -15.93 8.40 22.68
CA GLN A 54 -15.30 9.16 23.75
C GLN A 54 -15.48 10.65 23.54
N GLN A 55 -15.61 11.08 22.30
CA GLN A 55 -15.90 12.49 22.02
C GLN A 55 -17.26 12.88 22.60
N LYS A 56 -18.25 11.99 22.45
CA LYS A 56 -19.56 12.18 23.05
C LYS A 56 -19.49 12.13 24.57
N ALA A 57 -18.76 11.16 25.11
CA ALA A 57 -18.61 11.03 26.55
C ALA A 57 -18.07 12.35 27.10
N GLN A 58 -17.11 12.92 26.40
CA GLN A 58 -16.49 14.15 26.85
C GLN A 58 -17.48 15.29 26.83
N ALA A 59 -18.36 15.29 25.83
CA ALA A 59 -19.41 16.31 25.74
C ALA A 59 -20.44 16.14 26.84
N GLU A 60 -20.73 14.89 27.21
CA GLU A 60 -21.64 14.64 28.32
C GLU A 60 -21.07 15.25 29.60
N VAL A 61 -19.76 15.05 29.80
CA VAL A 61 -19.09 15.63 30.95
C VAL A 61 -19.18 17.16 30.95
N GLU A 62 -19.02 17.78 29.79
CA GLU A 62 -19.10 19.24 29.73
C GLU A 62 -20.51 19.74 30.06
N GLY A 63 -21.53 18.97 29.67
CA GLY A 63 -22.88 19.32 30.05
C GLY A 63 -23.04 19.29 31.56
N LEU A 64 -22.46 18.28 32.20
CA LEU A 64 -22.51 18.21 33.65
C LEU A 64 -21.76 19.39 34.26
N GLY A 65 -20.68 19.82 33.62
CA GLY A 65 -19.91 20.95 34.12
C GLY A 65 -20.77 22.21 34.16
N LYS A 66 -21.75 22.30 33.26
CA LYS A 66 -22.59 23.49 33.22
C LYS A 66 -23.63 23.42 34.35
N GLY A 67 -24.05 22.21 34.65
CA GLY A 67 -24.88 21.95 35.83
C GLY A 67 -24.15 22.32 37.09
N VAL A 68 -22.88 21.94 37.17
CA VAL A 68 -22.09 22.26 38.35
C VAL A 68 -21.93 23.78 38.48
N ALA A 69 -21.74 24.47 37.37
CA ALA A 69 -21.64 25.94 37.41
C ALA A 69 -22.91 26.59 37.92
N ARG A 70 -24.05 26.05 37.50
N ARG A 70 -24.07 26.11 37.48
CA ARG A 70 -25.35 26.55 37.91
CA ARG A 70 -25.34 26.61 37.99
C ARG A 70 -25.59 26.33 39.42
C ARG A 70 -25.38 26.41 39.50
N LEU A 71 -25.17 25.17 39.92
CA LEU A 71 -25.33 24.83 41.33
C LEU A 71 -24.37 25.62 42.19
N SER A 72 -23.18 25.89 41.66
CA SER A 72 -22.20 26.69 42.38
C SER A 72 -22.73 28.11 42.58
N ALA A 73 -23.30 28.68 41.53
CA ALA A 73 -23.87 30.04 41.65
C ALA A 73 -24.97 30.06 42.69
N GLU A 74 -25.85 29.05 42.67
CA GLU A 74 -26.94 28.98 43.63
C GLU A 74 -26.40 28.81 45.04
N ALA A 75 -25.41 27.93 45.19
CA ALA A 75 -24.80 27.71 46.48
C ALA A 75 -24.26 29.00 47.07
N GLU A 76 -23.56 29.79 46.26
CA GLU A 76 -22.91 30.99 46.76
C GLU A 76 -23.96 32.03 47.17
N LYS A 77 -25.11 32.00 46.49
CA LYS A 77 -26.20 32.91 46.82
C LYS A 77 -26.76 32.58 48.21
N VAL A 78 -26.94 31.29 48.46
CA VAL A 78 -27.42 30.82 49.76
C VAL A 78 -26.39 31.14 50.84
N LEU A 79 -25.12 30.87 50.53
CA LEU A 79 -24.07 31.03 51.52
C LEU A 79 -23.85 32.49 51.87
N ALA A 80 -24.29 33.39 50.99
CA ALA A 80 -24.15 34.83 51.21
C ALA A 80 -25.24 35.46 52.07
N LEU A 81 -26.32 34.73 52.35
CA LEU A 81 -27.34 35.30 53.23
C LEU A 81 -26.74 35.53 54.63
N PRO A 82 -27.07 36.66 55.27
CA PRO A 82 -26.40 37.01 56.54
C PRO A 82 -26.76 36.13 57.73
N GLU A 83 -27.86 35.41 57.68
CA GLU A 83 -28.33 34.72 58.87
C GLU A 83 -27.44 33.53 59.24
N PRO A 84 -27.38 33.23 60.54
CA PRO A 84 -26.67 32.02 60.98
C PRO A 84 -27.20 30.78 60.28
N SER A 85 -26.30 29.87 59.93
CA SER A 85 -26.65 28.68 59.18
C SER A 85 -25.67 27.55 59.52
N PRO A 86 -26.03 26.72 60.49
CA PRO A 86 -25.15 25.59 60.80
C PRO A 86 -24.98 24.63 59.62
N ALA A 87 -25.88 24.68 58.64
CA ALA A 87 -25.75 23.81 57.46
C ALA A 87 -24.70 24.31 56.46
N ALA A 88 -24.29 25.56 56.61
CA ALA A 88 -23.41 26.18 55.62
C ALA A 88 -22.13 25.38 55.37
N PRO A 89 -21.50 24.87 56.44
CA PRO A 89 -20.28 24.08 56.17
C PRO A 89 -20.52 22.83 55.32
N THR A 90 -21.69 22.22 55.47
CA THR A 90 -22.01 21.04 54.68
C THR A 90 -22.19 21.45 53.23
N LEU A 91 -22.90 22.56 53.00
CA LEU A 91 -23.07 23.07 51.65
C LEU A 91 -21.72 23.37 51.01
N ARG A 92 -20.84 24.06 51.72
N ARG A 92 -20.84 24.06 51.73
CA ARG A 92 -19.52 24.34 51.16
CA ARG A 92 -19.50 24.34 51.20
C ARG A 92 -18.71 23.07 50.88
C ARG A 92 -18.73 23.08 50.88
N SER A 93 -18.79 22.10 51.80
CA SER A 93 -18.04 20.86 51.64
C SER A 93 -18.50 20.10 50.41
N GLU A 94 -19.81 20.02 50.22
CA GLU A 94 -20.37 19.28 49.10
C GLU A 94 -20.06 19.99 47.79
N LEU A 95 -20.07 21.32 47.79
CA LEU A 95 -19.67 22.07 46.59
C LEU A 95 -18.23 21.78 46.21
N GLU A 96 -17.33 21.86 47.18
CA GLU A 96 -15.92 21.65 46.89
C GLU A 96 -15.65 20.22 46.44
N LEU A 97 -16.38 19.24 46.98
CA LEU A 97 -16.20 17.85 46.49
C LEU A 97 -16.66 17.70 45.04
N THR A 98 -17.76 18.37 44.70
CA THR A 98 -18.33 18.24 43.36
C THR A 98 -17.43 18.93 42.33
N LEU A 99 -16.92 20.10 42.71
CA LEU A 99 -16.01 20.85 41.84
C LEU A 99 -14.73 20.05 41.57
N GLY A 100 -14.23 19.36 42.58
CA GLY A 100 -13.01 18.58 42.47
C GLY A 100 -13.21 17.39 41.56
N LYS A 101 -14.33 16.69 41.78
CA LYS A 101 -14.69 15.56 40.94
C LYS A 101 -14.84 15.97 39.49
N LEU A 102 -15.49 17.10 39.24
CA LEU A 102 -15.61 17.58 37.87
C LEU A 102 -14.24 17.71 37.19
N GLU A 103 -13.26 18.31 37.87
CA GLU A 103 -11.97 18.53 37.24
C GLU A 103 -11.27 17.22 36.96
N GLN A 104 -11.49 16.27 37.87
CA GLN A 104 -10.87 14.95 37.78
C GLN A 104 -11.44 14.18 36.58
N VAL A 105 -12.76 14.25 36.43
CA VAL A 105 -13.41 13.57 35.32
C VAL A 105 -13.07 14.26 33.99
N ARG A 106 -13.00 15.59 33.99
CA ARG A 106 -12.60 16.30 32.77
C ARG A 106 -11.22 15.86 32.29
N SER A 107 -10.27 15.86 33.23
CA SER A 107 -8.90 15.44 32.98
C SER A 107 -8.85 14.05 32.38
N LEU A 108 -9.51 13.11 33.05
CA LEU A 108 -9.49 11.73 32.62
C LEU A 108 -10.11 11.57 31.23
N SER A 109 -11.24 12.23 31.00
CA SER A 109 -11.88 12.18 29.68
C SER A 109 -10.97 12.66 28.56
N ALA A 110 -10.27 13.75 28.82
CA ALA A 110 -9.42 14.35 27.80
C ALA A 110 -8.20 13.49 27.53
N ILE A 111 -7.61 12.94 28.59
CA ILE A 111 -6.39 12.16 28.38
C ILE A 111 -6.72 10.83 27.70
N TYR A 112 -7.84 10.21 28.05
CA TYR A 112 -8.22 8.97 27.34
C TYR A 112 -8.52 9.23 25.88
N LEU A 113 -9.20 10.34 25.58
CA LEU A 113 -9.44 10.65 24.19
C LEU A 113 -8.12 10.81 23.46
N GLU A 114 -7.17 11.48 24.09
CA GLU A 114 -5.85 11.72 23.53
C GLU A 114 -5.10 10.41 23.28
N LYS A 115 -5.24 9.48 24.21
CA LYS A 115 -4.61 8.17 24.11
C LYS A 115 -5.13 7.42 22.89
N LEU A 116 -6.45 7.47 22.71
CA LEU A 116 -7.05 6.82 21.56
C LEU A 116 -6.56 7.46 20.26
N LYS A 117 -6.49 8.79 20.21
CA LYS A 117 -6.08 9.42 18.96
C LYS A 117 -4.63 9.05 18.61
N THR A 118 -3.75 9.01 19.60
CA THR A 118 -2.34 8.69 19.28
C THR A 118 -2.20 7.23 18.83
N ILE A 119 -2.98 6.35 19.44
CA ILE A 119 -2.93 4.93 19.09
C ILE A 119 -3.43 4.75 17.66
N SER A 120 -4.44 5.54 17.30
CA SER A 120 -5.02 5.45 15.97
C SER A 120 -4.00 5.77 14.89
N LEU A 121 -3.09 6.70 15.18
CA LEU A 121 -2.06 7.02 14.19
C LEU A 121 -1.08 5.84 14.00
N VAL A 122 -0.73 5.18 15.10
CA VAL A 122 0.20 4.04 15.02
C VAL A 122 -0.45 2.92 14.24
N ILE A 123 -1.69 2.61 14.58
CA ILE A 123 -2.41 1.57 13.86
C ILE A 123 -2.45 1.87 12.38
N ARG A 124 -2.89 3.07 12.00
CA ARG A 124 -2.95 3.41 10.58
C ARG A 124 -1.56 3.26 9.93
N GLY A 125 -0.56 3.81 10.61
CA GLY A 125 0.79 3.80 10.09
C GLY A 125 1.35 2.40 9.91
N THR A 126 1.08 1.51 10.86
CA THR A 126 1.58 0.14 10.73
C THR A 126 0.88 -0.60 9.59
N GLN A 127 -0.41 -0.39 9.42
CA GLN A 127 -1.11 -1.10 8.35
C GLN A 127 -0.61 -0.62 6.98
N GLY A 128 -0.26 0.65 6.88
CA GLY A 128 0.30 1.17 5.63
C GLY A 128 1.65 0.56 5.34
N ALA A 129 2.50 0.48 6.37
CA ALA A 129 3.84 -0.08 6.22
C ALA A 129 3.81 -1.54 5.79
N GLU A 130 2.86 -2.30 6.34
CA GLU A 130 2.68 -3.70 5.98
C GLU A 130 2.50 -3.88 4.46
N GLU A 131 1.62 -3.09 3.87
CA GLU A 131 1.31 -3.25 2.46
C GLU A 131 2.52 -2.92 1.58
N VAL A 132 3.29 -1.90 1.95
CA VAL A 132 4.49 -1.59 1.19
C VAL A 132 5.55 -2.68 1.38
N LEU A 133 5.77 -3.08 2.63
CA LEU A 133 6.76 -4.13 2.89
C LEU A 133 6.43 -5.40 2.14
N ARG A 134 5.16 -5.76 2.06
CA ARG A 134 4.77 -6.96 1.32
C ARG A 134 5.20 -6.86 -0.13
N ALA A 135 4.98 -5.70 -0.76
CA ALA A 135 5.41 -5.53 -2.15
C ALA A 135 6.93 -5.68 -2.26
N HIS A 136 7.67 -5.03 -1.37
CA HIS A 136 9.12 -5.06 -1.44
C HIS A 136 9.63 -6.47 -1.18
N GLU A 137 9.03 -7.16 -0.19
CA GLU A 137 9.49 -8.52 0.16
C GLU A 137 9.26 -9.48 -1.01
N GLU A 138 8.21 -9.22 -1.78
CA GLU A 138 7.92 -10.07 -2.94
C GLU A 138 8.88 -9.77 -4.07
N GLN A 139 9.17 -8.49 -4.32
CA GLN A 139 10.16 -8.14 -5.33
C GLN A 139 11.49 -8.79 -5.01
N LEU A 140 11.87 -8.75 -3.74
CA LEU A 140 13.14 -9.36 -3.33
C LEU A 140 13.14 -10.85 -3.56
N LYS A 141 12.04 -11.50 -3.22
CA LYS A 141 11.91 -12.95 -3.39
C LYS A 141 12.06 -13.32 -4.86
N GLU A 142 11.47 -12.51 -5.73
CA GLU A 142 11.56 -12.73 -7.17
C GLU A 142 12.99 -12.53 -7.67
N ALA A 143 13.69 -11.57 -7.10
CA ALA A 143 15.08 -11.35 -7.43
C ALA A 143 15.97 -12.49 -6.93
N GLN A 144 15.47 -13.36 -6.06
CA GLN A 144 16.28 -14.48 -5.56
C GLN A 144 16.42 -15.59 -6.58
N ALA A 145 15.53 -15.61 -7.55
CA ALA A 145 15.54 -16.65 -8.57
C ALA A 145 16.83 -16.55 -9.37
N VAL A 146 17.37 -17.69 -9.81
CA VAL A 146 18.55 -17.67 -10.65
C VAL A 146 18.14 -17.31 -12.06
N PRO A 147 18.76 -16.25 -12.64
CA PRO A 147 18.41 -15.89 -14.01
C PRO A 147 18.94 -16.90 -15.02
N ALA A 148 18.26 -17.02 -16.15
CA ALA A 148 18.60 -18.06 -17.12
C ALA A 148 19.67 -17.59 -18.09
N THR A 149 19.60 -16.31 -18.43
CA THR A 149 20.45 -15.73 -19.47
C THR A 149 21.22 -14.53 -18.94
N LEU A 150 22.26 -14.13 -19.68
CA LEU A 150 22.98 -12.90 -19.37
C LEU A 150 22.06 -11.67 -19.36
N PRO A 151 21.13 -11.55 -20.35
CA PRO A 151 20.13 -10.47 -20.29
C PRO A 151 19.13 -10.52 -19.11
N GLU A 152 18.76 -11.72 -18.65
CA GLU A 152 17.84 -11.83 -17.53
C GLU A 152 18.56 -11.42 -16.25
N LEU A 153 19.85 -11.73 -16.20
CA LEU A 153 20.70 -11.31 -15.10
C LEU A 153 20.66 -9.79 -14.99
N GLU A 154 20.70 -9.11 -16.13
CA GLU A 154 20.69 -7.65 -16.14
C GLU A 154 19.33 -7.11 -15.69
N ALA A 155 18.27 -7.87 -15.94
CA ALA A 155 16.94 -7.50 -15.50
C ALA A 155 16.82 -7.69 -13.99
N THR A 156 17.36 -8.78 -13.49
CA THR A 156 17.38 -9.03 -12.05
C THR A 156 18.14 -7.93 -11.34
N LYS A 157 19.34 -7.62 -11.83
CA LYS A 157 20.15 -6.56 -11.28
C LYS A 157 19.40 -5.21 -11.30
N ALA A 158 18.68 -4.95 -12.38
CA ALA A 158 17.89 -3.70 -12.49
C ALA A 158 16.72 -3.72 -11.50
N SER A 159 16.15 -4.90 -11.28
CA SER A 159 15.04 -5.01 -10.35
C SER A 159 15.53 -4.70 -8.93
N LEU A 160 16.75 -5.14 -8.62
CA LEU A 160 17.33 -4.93 -7.29
C LEU A 160 17.70 -3.46 -7.07
N LYS A 161 18.14 -2.78 -8.12
CA LYS A 161 18.53 -1.38 -8.02
C LYS A 161 17.32 -0.55 -7.67
N LYS A 162 16.21 -0.88 -8.34
CA LYS A 162 14.92 -0.25 -8.13
C LYS A 162 14.44 -0.49 -6.71
N LEU A 163 14.51 -1.75 -6.31
CA LEU A 163 14.05 -2.16 -4.99
C LEU A 163 14.78 -1.39 -3.90
N ARG A 164 16.10 -1.36 -3.98
CA ARG A 164 16.91 -0.63 -3.01
C ARG A 164 16.49 0.83 -2.90
N ALA A 165 16.24 1.46 -4.05
CA ALA A 165 15.85 2.86 -4.06
C ALA A 165 14.48 3.05 -3.41
N GLN A 166 13.57 2.14 -3.72
CA GLN A 166 12.20 2.21 -3.20
C GLN A 166 12.20 1.98 -1.69
N ALA A 167 13.00 1.03 -1.24
CA ALA A 167 13.04 0.67 0.17
C ALA A 167 13.71 1.76 0.96
N GLU A 168 14.78 2.34 0.43
CA GLU A 168 15.47 3.43 1.13
C GLU A 168 14.52 4.60 1.30
N ALA A 169 13.62 4.77 0.33
CA ALA A 169 12.73 5.92 0.31
C ALA A 169 11.64 5.82 1.37
N GLN A 170 11.51 4.66 2.01
CA GLN A 170 10.51 4.51 3.07
C GLN A 170 10.99 5.08 4.39
N GLN A 171 12.20 5.62 4.42
CA GLN A 171 12.76 6.17 5.64
C GLN A 171 11.75 7.10 6.35
N PRO A 172 11.13 8.05 5.63
CA PRO A 172 10.17 8.91 6.34
C PRO A 172 9.00 8.17 7.00
N THR A 173 8.51 7.13 6.34
CA THR A 173 7.41 6.35 6.89
C THR A 173 7.77 5.72 8.23
N PHE A 174 8.96 5.13 8.33
CA PHE A 174 9.36 4.45 9.56
C PHE A 174 9.79 5.44 10.63
N ASP A 175 10.39 6.56 10.25
CA ASP A 175 10.67 7.61 11.22
C ASP A 175 9.38 8.13 11.86
N ALA A 176 8.33 8.30 11.05
CA ALA A 176 7.06 8.82 11.54
C ALA A 176 6.38 7.79 12.42
N LEU A 177 6.52 6.52 12.06
CA LEU A 177 5.95 5.44 12.84
C LEU A 177 6.54 5.40 14.24
N ARG A 178 7.87 5.46 14.32
CA ARG A 178 8.58 5.48 15.60
C ARG A 178 8.16 6.69 16.46
N ASP A 179 8.01 7.84 15.82
CA ASP A 179 7.57 9.04 16.53
C ASP A 179 6.16 8.90 17.06
N GLU A 180 5.30 8.28 16.26
CA GLU A 180 3.91 8.06 16.64
C GLU A 180 3.82 7.11 17.83
N LEU A 181 4.65 6.09 17.82
CA LEU A 181 4.63 5.14 18.92
C LEU A 181 5.16 5.81 20.18
N ARG A 182 6.17 6.65 20.02
CA ARG A 182 6.69 7.40 21.14
C ARG A 182 5.59 8.28 21.73
N GLY A 183 4.84 8.92 20.85
CA GLY A 183 3.72 9.75 21.26
C GLY A 183 2.73 8.95 22.08
N ALA A 184 2.32 7.81 21.53
CA ALA A 184 1.34 6.95 22.20
C ALA A 184 1.83 6.48 23.58
N GLN A 185 3.10 6.10 23.65
CA GLN A 185 3.67 5.64 24.91
C GLN A 185 3.62 6.75 25.96
N GLU A 186 4.04 7.94 25.56
CA GLU A 186 4.04 9.10 26.48
C GLU A 186 2.65 9.39 27.03
N VAL A 187 1.63 9.37 26.18
CA VAL A 187 0.28 9.59 26.66
C VAL A 187 -0.06 8.56 27.71
N GLY A 188 0.14 7.28 27.39
CA GLY A 188 -0.13 6.22 28.34
C GLY A 188 0.53 6.40 29.69
N GLU A 189 1.78 6.86 29.67
CA GLU A 189 2.52 7.10 30.90
C GLU A 189 1.89 8.20 31.73
N ARG A 190 1.45 9.27 31.07
N ARG A 190 1.47 9.26 31.05
CA ARG A 190 0.82 10.36 31.80
CA ARG A 190 0.79 10.38 31.71
C ARG A 190 -0.50 9.89 32.42
C ARG A 190 -0.48 9.88 32.41
N LEU A 191 -1.27 9.08 31.70
CA LEU A 191 -2.50 8.53 32.26
C LEU A 191 -2.17 7.71 33.51
N GLN A 192 -1.12 6.89 33.41
CA GLN A 192 -0.66 6.11 34.56
C GLN A 192 -0.31 7.04 35.72
N GLN A 193 0.46 8.07 35.45
CA GLN A 193 1.00 8.92 36.50
C GLN A 193 -0.10 9.78 37.12
N ARG A 194 -1.07 10.19 36.31
CA ARG A 194 -2.08 11.12 36.78
C ARG A 194 -3.36 10.43 37.28
N HIS A 195 -3.63 9.23 36.79
CA HIS A 195 -4.86 8.53 37.16
C HIS A 195 -4.62 7.09 37.59
N GLY A 196 -3.35 6.68 37.65
CA GLY A 196 -2.98 5.39 38.19
C GLY A 196 -3.44 4.18 37.40
N GLU A 197 -3.73 4.38 36.11
CA GLU A 197 -4.20 3.29 35.27
C GLU A 197 -3.12 2.87 34.28
N ARG A 198 -2.81 1.57 34.25
N ARG A 198 -2.82 1.57 34.26
CA ARG A 198 -1.80 1.08 33.32
CA ARG A 198 -1.83 1.05 33.32
C ARG A 198 -2.30 1.11 31.88
C ARG A 198 -2.31 1.12 31.88
N ASP A 199 -1.35 1.15 30.94
CA ASP A 199 -1.63 1.21 29.53
C ASP A 199 -1.82 -0.19 28.95
N VAL A 200 -3.05 -0.59 28.69
CA VAL A 200 -3.33 -1.96 28.24
C VAL A 200 -3.13 -2.16 26.75
N GLU A 201 -2.77 -1.12 26.03
CA GLU A 201 -2.82 -1.20 24.57
C GLU A 201 -1.45 -1.10 23.91
N VAL A 202 -0.55 -0.36 24.53
CA VAL A 202 0.65 0.08 23.84
C VAL A 202 1.64 -1.06 23.51
N GLU A 203 1.66 -2.11 24.32
CA GLU A 203 2.63 -3.20 24.08
C GLU A 203 2.39 -3.90 22.76
N ARG A 204 1.13 -4.13 22.43
CA ARG A 204 0.77 -4.71 21.16
C ARG A 204 1.40 -3.95 19.98
N TRP A 205 1.42 -2.62 20.06
CA TRP A 205 1.81 -1.79 18.93
C TRP A 205 3.29 -1.50 18.96
N ARG A 206 3.88 -1.57 20.15
CA ARG A 206 5.32 -1.53 20.28
C ARG A 206 5.91 -2.71 19.54
N GLU A 207 5.35 -3.88 19.78
CA GLU A 207 5.83 -5.09 19.10
C GLU A 207 5.58 -5.03 17.61
N ARG A 208 4.40 -4.54 17.21
CA ARG A 208 4.09 -4.40 15.80
C ARG A 208 5.14 -3.54 15.11
N VAL A 209 5.40 -2.37 15.69
CA VAL A 209 6.34 -1.45 15.09
C VAL A 209 7.72 -2.12 14.99
N ALA A 210 8.15 -2.77 16.07
CA ALA A 210 9.48 -3.36 16.13
C ALA A 210 9.68 -4.42 15.05
N GLN A 211 8.67 -5.25 14.83
CA GLN A 211 8.77 -6.29 13.81
C GLN A 211 8.79 -5.72 12.41
N LEU A 212 8.00 -4.68 12.18
CA LEU A 212 7.94 -4.06 10.88
C LEU A 212 9.26 -3.39 10.57
N LEU A 213 9.87 -2.79 11.59
CA LEU A 213 11.18 -2.16 11.40
C LEU A 213 12.20 -3.22 11.03
N GLU A 214 12.13 -4.35 11.72
CA GLU A 214 13.07 -5.43 11.45
C GLU A 214 12.91 -5.98 10.04
N ARG A 215 11.67 -6.05 9.56
CA ARG A 215 11.42 -6.52 8.21
C ARG A 215 11.97 -5.54 7.18
N TRP A 216 11.82 -4.26 7.46
CA TRP A 216 12.33 -3.24 6.57
C TRP A 216 13.84 -3.31 6.50
N GLN A 217 14.48 -3.49 7.65
N GLN A 217 14.48 -3.49 7.64
CA GLN A 217 15.92 -3.58 7.73
CA GLN A 217 15.93 -3.56 7.68
C GLN A 217 16.40 -4.80 6.96
C GLN A 217 16.42 -4.82 6.97
N ALA A 218 15.63 -5.88 7.05
CA ALA A 218 16.00 -7.13 6.38
C ALA A 218 15.86 -7.01 4.86
N VAL A 219 14.88 -6.26 4.36
CA VAL A 219 14.74 -6.03 2.91
C VAL A 219 15.99 -5.34 2.40
N LEU A 220 16.39 -4.29 3.12
CA LEU A 220 17.56 -3.52 2.74
C LEU A 220 18.83 -4.37 2.77
N ALA A 221 18.98 -5.16 3.82
CA ALA A 221 20.21 -5.95 4.00
C ALA A 221 20.29 -7.08 2.99
N GLN A 222 19.17 -7.76 2.76
CA GLN A 222 19.18 -8.92 1.86
C GLN A 222 19.19 -8.47 0.39
N THR A 223 18.68 -7.27 0.10
CA THR A 223 18.79 -6.72 -1.25
C THR A 223 20.25 -6.49 -1.55
N ASP A 224 20.97 -5.91 -0.59
CA ASP A 224 22.39 -5.66 -0.74
C ASP A 224 23.20 -6.96 -0.93
N VAL A 225 22.89 -7.99 -0.15
CA VAL A 225 23.53 -9.31 -0.32
C VAL A 225 23.27 -9.85 -1.74
N ARG A 226 22.01 -9.84 -2.15
CA ARG A 226 21.66 -10.39 -3.46
C ARG A 226 22.32 -9.60 -4.60
N GLN A 227 22.32 -8.28 -4.50
CA GLN A 227 23.03 -7.47 -5.51
C GLN A 227 24.51 -7.86 -5.58
N ARG A 228 25.11 -8.14 -4.43
CA ARG A 228 26.55 -8.36 -4.39
C ARG A 228 26.90 -9.71 -4.98
N GLU A 229 26.04 -10.69 -4.76
CA GLU A 229 26.21 -12.02 -5.35
C GLU A 229 26.30 -11.91 -6.85
N LEU A 230 25.43 -11.11 -7.44
CA LEU A 230 25.31 -11.06 -8.88
C LEU A 230 26.39 -10.21 -9.54
N GLU A 231 27.11 -9.41 -8.76
CA GLU A 231 28.20 -8.61 -9.30
C GLU A 231 29.46 -9.46 -9.43
N GLN A 232 29.81 -10.17 -8.36
CA GLN A 232 30.98 -11.04 -8.37
C GLN A 232 30.72 -12.29 -9.23
N GLU B 6 10.96 -47.44 -53.07
CA GLU B 6 11.45 -46.60 -51.99
C GLU B 6 11.83 -45.20 -52.51
N GLU B 7 11.16 -44.16 -52.02
CA GLU B 7 11.45 -42.83 -52.53
C GLU B 7 12.88 -42.46 -52.19
N SER B 8 13.44 -41.49 -52.91
CA SER B 8 14.80 -41.04 -52.71
C SER B 8 14.96 -40.22 -51.45
N ARG B 9 16.18 -40.15 -50.94
CA ARG B 9 16.44 -39.33 -49.77
C ARG B 9 16.21 -37.88 -50.13
N CYS B 10 16.48 -37.53 -51.38
CA CYS B 10 16.28 -36.17 -51.83
C CYS B 10 14.80 -35.80 -51.71
N GLN B 11 13.93 -36.62 -52.30
CA GLN B 11 12.50 -36.36 -52.29
C GLN B 11 11.94 -36.38 -50.85
N ARG B 12 12.40 -37.31 -50.04
N ARG B 12 12.25 -37.42 -50.08
CA ARG B 12 11.93 -37.40 -48.65
CA ARG B 12 11.96 -37.42 -48.65
C ARG B 12 12.34 -36.15 -47.88
C ARG B 12 12.29 -36.06 -48.04
N CYS B 13 13.57 -35.70 -48.07
CA CYS B 13 14.05 -34.49 -47.42
C CYS B 13 13.23 -33.26 -47.85
N ILE B 14 12.99 -33.13 -49.15
CA ILE B 14 12.15 -32.02 -49.62
C ILE B 14 10.80 -32.03 -48.91
N SER B 15 10.17 -33.20 -48.89
N SER B 15 10.15 -33.18 -48.88
CA SER B 15 8.87 -33.37 -48.24
CA SER B 15 8.84 -33.30 -48.22
C SER B 15 8.88 -32.99 -46.76
C SER B 15 8.88 -32.95 -46.74
N GLU B 16 9.88 -33.47 -46.04
CA GLU B 16 10.00 -33.22 -44.61
C GLU B 16 10.30 -31.73 -44.32
N LEU B 17 11.10 -31.11 -45.17
CA LEU B 17 11.42 -29.70 -45.00
C LEU B 17 10.17 -28.84 -45.17
N LYS B 18 9.38 -29.16 -46.20
CA LYS B 18 8.11 -28.46 -46.43
C LYS B 18 7.17 -28.68 -45.26
N ASP B 19 7.12 -29.90 -44.75
N ASP B 19 7.13 -29.92 -44.76
CA ASP B 19 6.20 -30.22 -43.66
CA ASP B 19 6.26 -30.28 -43.66
C ASP B 19 6.60 -29.48 -42.37
C ASP B 19 6.61 -29.51 -42.39
N ILE B 20 7.89 -29.43 -42.06
CA ILE B 20 8.30 -28.79 -40.81
C ILE B 20 8.14 -27.28 -40.93
N ARG B 21 8.25 -26.77 -42.16
CA ARG B 21 8.01 -25.35 -42.40
C ARG B 21 6.54 -25.00 -42.19
N LEU B 22 5.65 -25.90 -42.58
CA LEU B 22 4.22 -25.68 -42.32
C LEU B 22 3.92 -25.72 -40.82
N GLN B 23 4.63 -26.56 -40.08
CA GLN B 23 4.48 -26.59 -38.63
C GLN B 23 4.99 -25.30 -38.01
N LEU B 24 6.09 -24.78 -38.53
CA LEU B 24 6.60 -23.50 -38.09
C LEU B 24 5.61 -22.37 -38.38
N GLU B 25 5.05 -22.35 -39.59
CA GLU B 25 4.07 -21.32 -39.95
C GLU B 25 2.83 -21.40 -39.07
N ALA B 26 2.49 -22.61 -38.64
CA ALA B 26 1.37 -22.78 -37.70
C ALA B 26 1.71 -22.16 -36.34
N CYS B 27 2.94 -22.34 -35.86
CA CYS B 27 3.36 -21.66 -34.63
C CYS B 27 3.29 -20.15 -34.81
N GLU B 28 3.77 -19.70 -35.97
CA GLU B 28 3.75 -18.28 -36.33
C GLU B 28 2.34 -17.69 -36.29
N THR B 29 1.39 -18.39 -36.90
CA THR B 29 0.00 -17.95 -36.93
C THR B 29 -0.59 -17.89 -35.53
N ARG B 30 -0.30 -18.90 -34.71
CA ARG B 30 -0.78 -18.89 -33.33
C ARG B 30 -0.22 -17.71 -32.55
N THR B 31 1.04 -17.38 -32.80
CA THR B 31 1.68 -16.28 -32.08
C THR B 31 1.10 -14.92 -32.51
N VAL B 32 0.83 -14.77 -33.81
CA VAL B 32 0.27 -13.52 -34.31
C VAL B 32 -1.12 -13.30 -33.71
N HIS B 33 -1.91 -14.36 -33.64
CA HIS B 33 -3.25 -14.23 -33.08
C HIS B 33 -3.22 -13.86 -31.61
N ARG B 34 -2.28 -14.41 -30.87
CA ARG B 34 -2.14 -14.06 -29.45
C ARG B 34 -1.70 -12.62 -29.27
N LEU B 35 -0.70 -12.18 -30.02
CA LEU B 35 -0.19 -10.81 -29.82
C LEU B 35 -1.22 -9.77 -30.27
N ARG B 36 -2.15 -10.15 -31.13
CA ARG B 36 -3.19 -9.22 -31.57
C ARG B 36 -4.33 -9.13 -30.57
N LEU B 37 -4.30 -10.00 -29.56
CA LEU B 37 -5.37 -10.04 -28.56
C LEU B 37 -5.06 -9.14 -27.36
N PRO B 38 -5.83 -8.04 -27.16
CA PRO B 38 -5.62 -7.22 -25.96
C PRO B 38 -5.95 -7.98 -24.67
N LEU B 39 -5.24 -7.68 -23.58
CA LEU B 39 -5.63 -8.18 -22.27
C LEU B 39 -7.03 -7.65 -21.92
N ASP B 40 -7.74 -8.40 -21.09
CA ASP B 40 -9.13 -8.08 -20.73
C ASP B 40 -9.23 -7.45 -19.33
N LYS B 41 -10.16 -7.92 -18.49
CA LYS B 41 -10.47 -7.27 -17.22
C LYS B 41 -9.60 -7.73 -16.04
N GLU B 42 -8.82 -8.79 -16.24
CA GLU B 42 -7.92 -9.30 -15.20
C GLU B 42 -6.47 -9.31 -15.72
N PRO B 43 -5.94 -8.12 -16.03
CA PRO B 43 -4.69 -8.00 -16.79
C PRO B 43 -3.47 -8.65 -16.14
N ALA B 44 -3.34 -8.58 -14.83
CA ALA B 44 -2.18 -9.20 -14.16
C ALA B 44 -2.18 -10.70 -14.30
N ARG B 45 -3.30 -11.32 -13.92
CA ARG B 45 -3.46 -12.76 -14.00
C ARG B 45 -3.37 -13.26 -15.44
N GLU B 46 -4.04 -12.59 -16.37
N GLU B 46 -4.05 -12.57 -16.35
CA GLU B 46 -4.01 -13.03 -17.75
CA GLU B 46 -4.06 -12.93 -17.76
C GLU B 46 -2.60 -12.93 -18.32
C GLU B 46 -2.65 -12.88 -18.35
N CYS B 47 -1.90 -11.85 -17.98
CA CYS B 47 -0.56 -11.65 -18.51
C CYS B 47 0.38 -12.75 -18.04
N ALA B 48 0.26 -13.13 -16.79
CA ALA B 48 1.07 -14.22 -16.24
C ALA B 48 0.80 -15.52 -16.99
N GLN B 49 -0.48 -15.80 -17.22
CA GLN B 49 -0.86 -16.99 -17.96
C GLN B 49 -0.27 -16.98 -19.37
N ARG B 50 -0.33 -15.83 -20.03
CA ARG B 50 0.12 -15.76 -21.42
C ARG B 50 1.63 -15.89 -21.49
N ILE B 51 2.34 -15.38 -20.48
CA ILE B 51 3.78 -15.54 -20.45
C ILE B 51 4.12 -17.03 -20.36
N ALA B 52 3.44 -17.76 -19.49
CA ALA B 52 3.73 -19.19 -19.31
C ALA B 52 3.46 -19.95 -20.61
N GLU B 53 2.35 -19.59 -21.24
CA GLU B 53 1.94 -20.18 -22.51
C GLU B 53 2.97 -19.89 -23.60
N GLN B 54 3.47 -18.66 -23.62
CA GLN B 54 4.40 -18.24 -24.66
C GLN B 54 5.77 -18.88 -24.44
N GLN B 55 6.10 -19.20 -23.20
CA GLN B 55 7.36 -19.89 -22.90
C GLN B 55 7.30 -21.32 -23.44
N LYS B 56 6.18 -21.97 -23.19
CA LYS B 56 5.89 -23.29 -23.74
C LYS B 56 5.89 -23.27 -25.27
N ALA B 57 5.27 -22.23 -25.86
CA ALA B 57 5.21 -22.10 -27.32
C ALA B 57 6.59 -21.87 -27.91
N GLN B 58 7.41 -21.13 -27.17
CA GLN B 58 8.76 -20.84 -27.60
C GLN B 58 9.57 -22.12 -27.60
N ALA B 59 9.33 -22.96 -26.61
CA ALA B 59 10.02 -24.24 -26.51
C ALA B 59 9.57 -25.17 -27.63
N GLU B 60 8.31 -25.07 -28.01
CA GLU B 60 7.76 -25.84 -29.13
C GLU B 60 8.53 -25.51 -30.41
N VAL B 61 8.76 -24.24 -30.64
CA VAL B 61 9.51 -23.80 -31.81
C VAL B 61 10.93 -24.36 -31.77
N GLU B 62 11.54 -24.42 -30.58
CA GLU B 62 12.91 -24.93 -30.50
C GLU B 62 12.98 -26.43 -30.80
N GLY B 63 11.95 -27.16 -30.40
CA GLY B 63 11.86 -28.55 -30.78
C GLY B 63 11.84 -28.70 -32.28
N LEU B 64 11.12 -27.82 -32.96
CA LEU B 64 11.09 -27.85 -34.42
C LEU B 64 12.47 -27.50 -34.98
N GLY B 65 13.16 -26.57 -34.32
CA GLY B 65 14.50 -26.19 -34.72
C GLY B 65 15.45 -27.38 -34.75
N LYS B 66 15.25 -28.32 -33.83
CA LYS B 66 16.07 -29.54 -33.79
C LYS B 66 15.79 -30.39 -35.01
N GLY B 67 14.53 -30.43 -35.41
CA GLY B 67 14.10 -31.08 -36.64
C GLY B 67 14.77 -30.48 -37.86
N VAL B 68 14.81 -29.16 -37.92
CA VAL B 68 15.41 -28.46 -39.07
C VAL B 68 16.89 -28.78 -39.15
N ALA B 69 17.56 -28.78 -38.00
CA ALA B 69 18.99 -29.06 -37.94
C ALA B 69 19.32 -30.46 -38.47
N ARG B 70 18.48 -31.43 -38.14
N ARG B 70 18.48 -31.43 -38.10
CA ARG B 70 18.67 -32.79 -38.63
CA ARG B 70 18.59 -32.79 -38.59
C ARG B 70 18.37 -32.90 -40.12
C ARG B 70 18.39 -32.84 -40.11
N LEU B 71 17.32 -32.22 -40.57
CA LEU B 71 16.99 -32.23 -41.99
C LEU B 71 18.05 -31.51 -42.80
N SER B 72 18.66 -30.51 -42.18
CA SER B 72 19.72 -29.77 -42.85
C SER B 72 20.93 -30.67 -43.08
N ALA B 73 21.21 -31.48 -42.07
CA ALA B 73 22.37 -32.38 -42.12
C ALA B 73 22.15 -33.43 -43.20
N GLU B 74 20.94 -33.98 -43.25
CA GLU B 74 20.60 -34.96 -44.27
C GLU B 74 20.65 -34.36 -45.67
N ALA B 75 20.16 -33.12 -45.80
CA ALA B 75 20.12 -32.45 -47.09
C ALA B 75 21.52 -32.23 -47.61
N GLU B 76 22.42 -31.81 -46.73
CA GLU B 76 23.80 -31.58 -47.13
C GLU B 76 24.46 -32.88 -47.60
N LYS B 77 24.11 -34.00 -46.99
CA LYS B 77 24.69 -35.28 -47.39
C LYS B 77 24.23 -35.64 -48.79
N VAL B 78 22.94 -35.39 -49.05
CA VAL B 78 22.35 -35.72 -50.33
C VAL B 78 22.97 -34.83 -51.40
N LEU B 79 23.15 -33.56 -51.07
CA LEU B 79 23.62 -32.57 -52.03
C LEU B 79 25.10 -32.76 -52.36
N ALA B 80 25.81 -33.46 -51.50
CA ALA B 80 27.24 -33.72 -51.68
C ALA B 80 27.53 -34.84 -52.66
N LEU B 81 26.54 -35.67 -52.93
CA LEU B 81 26.73 -36.75 -53.89
C LEU B 81 27.14 -36.18 -55.25
N PRO B 82 28.12 -36.81 -55.92
CA PRO B 82 28.63 -36.22 -57.16
C PRO B 82 27.69 -36.27 -58.36
N GLU B 83 26.69 -37.16 -58.34
CA GLU B 83 25.93 -37.40 -59.57
C GLU B 83 25.03 -36.24 -59.94
N PRO B 84 24.83 -36.02 -61.25
CA PRO B 84 23.90 -34.95 -61.63
C PRO B 84 22.54 -35.18 -61.01
N SER B 85 21.88 -34.10 -60.62
CA SER B 85 20.62 -34.18 -59.91
C SER B 85 19.78 -32.95 -60.18
N PRO B 86 18.81 -33.05 -61.09
CA PRO B 86 17.95 -31.89 -61.39
C PRO B 86 17.12 -31.43 -60.20
N ALA B 87 16.93 -32.30 -59.21
CA ALA B 87 16.15 -31.96 -58.03
C ALA B 87 16.96 -31.17 -56.99
N ALA B 88 18.28 -31.18 -57.13
CA ALA B 88 19.16 -30.54 -56.15
C ALA B 88 18.82 -29.08 -55.89
N PRO B 89 18.53 -28.31 -56.96
CA PRO B 89 18.14 -26.91 -56.75
C PRO B 89 16.88 -26.76 -55.88
N THR B 90 15.92 -27.66 -56.06
CA THR B 90 14.71 -27.64 -55.26
C THR B 90 15.06 -27.91 -53.82
N LEU B 91 15.89 -28.93 -53.60
CA LEU B 91 16.27 -29.28 -52.23
C LEU B 91 16.95 -28.08 -51.57
N ARG B 92 17.90 -27.48 -52.28
CA ARG B 92 18.59 -26.31 -51.75
C ARG B 92 17.61 -25.16 -51.47
N SER B 93 16.64 -24.98 -52.36
CA SER B 93 15.66 -23.91 -52.23
C SER B 93 14.75 -24.10 -51.01
N GLU B 94 14.28 -25.33 -50.85
CA GLU B 94 13.39 -25.70 -49.75
C GLU B 94 14.13 -25.59 -48.42
N LEU B 95 15.41 -25.91 -48.42
CA LEU B 95 16.21 -25.80 -47.20
C LEU B 95 16.31 -24.33 -46.78
N GLU B 96 16.64 -23.46 -47.73
CA GLU B 96 16.79 -22.03 -47.45
C GLU B 96 15.50 -21.40 -46.95
N LEU B 97 14.38 -21.83 -47.53
CA LEU B 97 13.08 -21.32 -47.12
C LEU B 97 12.75 -21.76 -45.68
N THR B 98 13.11 -23.00 -45.36
CA THR B 98 12.76 -23.55 -44.05
C THR B 98 13.68 -22.98 -42.97
N LEU B 99 14.95 -22.79 -43.30
CA LEU B 99 15.86 -22.08 -42.41
C LEU B 99 15.38 -20.65 -42.15
N GLY B 100 14.90 -19.97 -43.19
CA GLY B 100 14.50 -18.59 -43.07
C GLY B 100 13.26 -18.46 -42.20
N LYS B 101 12.34 -19.39 -42.37
CA LYS B 101 11.10 -19.39 -41.60
C LYS B 101 11.38 -19.66 -40.13
N LEU B 102 12.28 -20.60 -39.86
CA LEU B 102 12.68 -20.94 -38.50
C LEU B 102 13.15 -19.69 -37.77
N GLU B 103 14.02 -18.90 -38.42
CA GLU B 103 14.58 -17.73 -37.75
C GLU B 103 13.52 -16.65 -37.55
N GLN B 104 12.61 -16.52 -38.51
CA GLN B 104 11.54 -15.53 -38.41
C GLN B 104 10.62 -15.86 -37.24
N VAL B 105 10.30 -17.14 -37.09
CA VAL B 105 9.40 -17.56 -36.02
C VAL B 105 10.11 -17.49 -34.68
N ARG B 106 11.40 -17.84 -34.66
CA ARG B 106 12.19 -17.67 -33.45
C ARG B 106 12.16 -16.22 -32.99
N SER B 107 12.35 -15.30 -33.94
CA SER B 107 12.42 -13.88 -33.63
C SER B 107 11.08 -13.35 -33.12
N LEU B 108 9.99 -13.72 -33.78
CA LEU B 108 8.67 -13.30 -33.38
C LEU B 108 8.30 -13.83 -32.00
N SER B 109 8.58 -15.11 -31.76
N SER B 109 8.57 -15.11 -31.79
CA SER B 109 8.27 -15.70 -30.47
CA SER B 109 8.32 -15.75 -30.50
C SER B 109 9.06 -15.03 -29.35
C SER B 109 9.04 -15.00 -29.39
N ALA B 110 10.29 -14.62 -29.66
CA ALA B 110 11.14 -13.97 -28.65
C ALA B 110 10.66 -12.58 -28.33
N ILE B 111 10.38 -11.80 -29.37
CA ILE B 111 9.94 -10.42 -29.13
C ILE B 111 8.57 -10.37 -28.46
N TYR B 112 7.65 -11.24 -28.87
CA TYR B 112 6.36 -11.31 -28.18
C TYR B 112 6.48 -11.64 -26.70
N LEU B 113 7.31 -12.62 -26.36
CA LEU B 113 7.51 -12.96 -24.97
C LEU B 113 8.08 -11.75 -24.24
N GLU B 114 9.03 -11.05 -24.85
CA GLU B 114 9.59 -9.84 -24.25
C GLU B 114 8.51 -8.78 -24.04
N LYS B 115 7.57 -8.72 -24.97
CA LYS B 115 6.53 -7.71 -24.93
C LYS B 115 5.62 -7.97 -23.73
N LEU B 116 5.34 -9.25 -23.48
CA LEU B 116 4.49 -9.66 -22.37
C LEU B 116 5.18 -9.40 -21.03
N LYS B 117 6.47 -9.68 -20.97
CA LYS B 117 7.22 -9.46 -19.75
C LYS B 117 7.30 -7.97 -19.40
N THR B 118 7.58 -7.11 -20.39
CA THR B 118 7.71 -5.68 -20.08
C THR B 118 6.37 -5.08 -19.68
N ILE B 119 5.28 -5.54 -20.30
CA ILE B 119 3.94 -5.11 -19.96
C ILE B 119 3.60 -5.58 -18.55
N SER B 120 4.00 -6.80 -18.23
CA SER B 120 3.76 -7.34 -16.90
C SER B 120 4.31 -6.45 -15.81
N LEU B 121 5.47 -5.87 -16.05
CA LEU B 121 6.06 -4.97 -15.05
C LEU B 121 5.20 -3.73 -14.89
N VAL B 122 4.67 -3.25 -16.00
CA VAL B 122 3.89 -2.01 -15.94
C VAL B 122 2.61 -2.26 -15.17
N ILE B 123 1.93 -3.36 -15.47
CA ILE B 123 0.71 -3.70 -14.78
C ILE B 123 0.94 -3.80 -13.28
N ARG B 124 1.96 -4.54 -12.87
CA ARG B 124 2.24 -4.68 -11.46
C ARG B 124 2.55 -3.32 -10.83
N GLY B 125 3.37 -2.51 -11.49
CA GLY B 125 3.71 -1.23 -10.89
C GLY B 125 2.51 -0.29 -10.75
N THR B 126 1.62 -0.28 -11.73
CA THR B 126 0.43 0.60 -11.66
C THR B 126 -0.51 0.13 -10.57
N GLN B 127 -0.59 -1.18 -10.37
CA GLN B 127 -1.48 -1.71 -9.32
C GLN B 127 -0.96 -1.34 -7.93
N GLY B 128 0.36 -1.37 -7.76
CA GLY B 128 0.94 -0.90 -6.51
C GLY B 128 0.77 0.59 -6.26
N ALA B 129 0.95 1.37 -7.32
CA ALA B 129 0.86 2.82 -7.22
C ALA B 129 -0.55 3.23 -6.87
N GLU B 130 -1.54 2.52 -7.40
CA GLU B 130 -2.93 2.80 -7.07
C GLU B 130 -3.18 2.69 -5.58
N GLU B 131 -2.69 1.63 -4.96
CA GLU B 131 -3.00 1.42 -3.55
C GLU B 131 -2.39 2.50 -2.67
N VAL B 132 -1.16 2.90 -2.99
CA VAL B 132 -0.49 3.95 -2.23
C VAL B 132 -1.21 5.29 -2.44
N LEU B 133 -1.52 5.60 -3.69
CA LEU B 133 -2.25 6.85 -4.00
C LEU B 133 -3.59 6.92 -3.30
N ARG B 134 -4.30 5.81 -3.20
CA ARG B 134 -5.57 5.83 -2.46
C ARG B 134 -5.35 6.24 -1.01
N ALA B 135 -4.28 5.75 -0.39
CA ALA B 135 -4.02 6.09 1.01
C ALA B 135 -3.69 7.57 1.10
N HIS B 136 -2.83 8.05 0.22
CA HIS B 136 -2.45 9.46 0.23
C HIS B 136 -3.62 10.39 -0.05
N GLU B 137 -4.46 10.01 -1.02
CA GLU B 137 -5.63 10.83 -1.38
C GLU B 137 -6.63 10.91 -0.24
N GLU B 138 -6.78 9.81 0.48
CA GLU B 138 -7.68 9.79 1.64
C GLU B 138 -7.15 10.68 2.75
N GLN B 139 -5.86 10.60 3.02
CA GLN B 139 -5.23 11.42 4.05
C GLN B 139 -5.42 12.90 3.71
N LEU B 140 -5.27 13.24 2.44
CA LEU B 140 -5.46 14.62 2.02
C LEU B 140 -6.92 15.03 2.17
N LYS B 141 -7.82 14.14 1.81
CA LYS B 141 -9.25 14.42 1.92
C LYS B 141 -9.65 14.67 3.38
N GLU B 142 -9.13 13.86 4.29
CA GLU B 142 -9.43 14.04 5.72
C GLU B 142 -8.89 15.37 6.20
N ALA B 143 -7.84 15.87 5.55
CA ALA B 143 -7.22 17.12 5.97
C ALA B 143 -8.00 18.35 5.48
N GLN B 144 -9.03 18.14 4.66
CA GLN B 144 -9.85 19.26 4.14
C GLN B 144 -10.87 19.73 5.18
N ALA B 145 -11.12 18.91 6.19
CA ALA B 145 -12.04 19.24 7.27
C ALA B 145 -11.61 20.53 7.95
N VAL B 146 -12.58 21.38 8.29
CA VAL B 146 -12.27 22.62 9.01
C VAL B 146 -11.92 22.27 10.44
N PRO B 147 -10.75 22.72 10.94
CA PRO B 147 -10.41 22.43 12.34
C PRO B 147 -11.15 23.34 13.30
N ALA B 148 -11.84 22.76 14.29
CA ALA B 148 -12.65 23.55 15.23
C ALA B 148 -11.82 24.17 16.33
N THR B 149 -10.71 23.53 16.70
CA THR B 149 -9.84 24.03 17.77
C THR B 149 -8.39 24.01 17.34
N LEU B 150 -7.56 24.78 18.05
CA LEU B 150 -6.14 24.89 17.74
C LEU B 150 -5.42 23.52 17.73
N PRO B 151 -5.68 22.67 18.73
CA PRO B 151 -5.02 21.36 18.67
C PRO B 151 -5.43 20.52 17.46
N GLU B 152 -6.66 20.71 16.98
CA GLU B 152 -7.12 19.99 15.80
C GLU B 152 -6.38 20.54 14.57
N LEU B 153 -6.20 21.85 14.56
CA LEU B 153 -5.42 22.50 13.51
C LEU B 153 -4.03 21.91 13.44
N GLU B 154 -3.38 21.82 14.60
CA GLU B 154 -1.99 21.38 14.64
C GLU B 154 -1.89 19.93 14.22
N ALA B 155 -2.87 19.13 14.61
CA ALA B 155 -2.95 17.74 14.19
C ALA B 155 -3.07 17.65 12.66
N THR B 156 -3.90 18.51 12.08
CA THR B 156 -4.05 18.51 10.63
C THR B 156 -2.73 18.91 9.95
N LYS B 157 -2.08 19.96 10.48
CA LYS B 157 -0.77 20.36 9.96
C LYS B 157 0.22 19.20 10.01
N ALA B 158 0.21 18.47 11.11
CA ALA B 158 1.18 17.38 11.31
C ALA B 158 0.91 16.24 10.35
N SER B 159 -0.36 16.00 10.08
CA SER B 159 -0.72 14.99 9.11
C SER B 159 -0.21 15.35 7.71
N LEU B 160 -0.35 16.61 7.30
CA LEU B 160 0.12 16.98 5.96
C LEU B 160 1.64 17.01 5.85
N LYS B 161 2.32 17.30 6.94
CA LYS B 161 3.77 17.26 6.94
C LYS B 161 4.24 15.85 6.62
N LYS B 162 3.63 14.86 7.28
CA LYS B 162 3.94 13.46 7.04
C LYS B 162 3.53 13.04 5.62
N LEU B 163 2.36 13.50 5.19
CA LEU B 163 1.88 13.13 3.86
C LEU B 163 2.82 13.65 2.77
N ARG B 164 3.22 14.91 2.88
CA ARG B 164 4.14 15.52 1.93
C ARG B 164 5.44 14.70 1.82
N ALA B 165 6.00 14.35 2.97
CA ALA B 165 7.25 13.57 2.97
C ALA B 165 7.06 12.22 2.30
N GLN B 166 5.94 11.58 2.61
CA GLN B 166 5.71 10.22 2.11
C GLN B 166 5.32 10.21 0.61
N ALA B 167 4.60 11.23 0.17
CA ALA B 167 4.27 11.33 -1.24
C ALA B 167 5.53 11.60 -2.06
N GLU B 168 6.39 12.45 -1.53
CA GLU B 168 7.65 12.76 -2.19
C GLU B 168 8.53 11.52 -2.25
N ALA B 169 8.37 10.63 -1.27
CA ALA B 169 9.15 9.39 -1.22
C ALA B 169 8.76 8.40 -2.28
N GLN B 170 7.68 8.68 -3.01
CA GLN B 170 7.25 7.77 -4.06
C GLN B 170 7.97 8.07 -5.37
N GLN B 171 8.81 9.09 -5.37
CA GLN B 171 9.52 9.48 -6.59
C GLN B 171 10.23 8.29 -7.29
N PRO B 172 10.99 7.50 -6.53
CA PRO B 172 11.66 6.40 -7.25
C PRO B 172 10.68 5.42 -7.88
N THR B 173 9.53 5.21 -7.25
CA THR B 173 8.50 4.34 -7.80
C THR B 173 7.92 4.88 -9.10
N PHE B 174 7.60 6.17 -9.16
CA PHE B 174 7.01 6.71 -10.37
C PHE B 174 8.06 6.88 -11.45
N ASP B 175 9.31 7.14 -11.06
CA ASP B 175 10.38 7.14 -12.08
C ASP B 175 10.52 5.76 -12.73
N ALA B 176 10.47 4.70 -11.91
CA ALA B 176 10.61 3.34 -12.42
C ALA B 176 9.42 2.99 -13.31
N LEU B 177 8.25 3.45 -12.92
CA LEU B 177 7.03 3.19 -13.67
C LEU B 177 7.11 3.82 -15.05
N ARG B 178 7.64 5.05 -15.14
CA ARG B 178 7.86 5.71 -16.43
C ARG B 178 8.89 4.99 -17.30
N ASP B 179 9.94 4.46 -16.68
CA ASP B 179 10.96 3.71 -17.42
C ASP B 179 10.40 2.40 -17.93
N GLU B 180 9.58 1.76 -17.10
CA GLU B 180 8.95 0.50 -17.46
C GLU B 180 7.94 0.68 -18.59
N LEU B 181 7.21 1.80 -18.59
CA LEU B 181 6.33 2.04 -19.72
C LEU B 181 7.12 2.26 -21.00
N ARG B 182 8.20 3.04 -20.91
CA ARG B 182 9.03 3.30 -22.07
C ARG B 182 9.62 1.99 -22.62
N GLY B 183 10.10 1.12 -21.72
CA GLY B 183 10.60 -0.19 -22.12
C GLY B 183 9.55 -0.99 -22.86
N ALA B 184 8.33 -1.03 -22.33
CA ALA B 184 7.25 -1.76 -22.99
C ALA B 184 6.95 -1.13 -24.35
N GLN B 185 6.91 0.20 -24.38
CA GLN B 185 6.72 0.91 -25.63
C GLN B 185 7.78 0.54 -26.68
N GLU B 186 9.04 0.54 -26.27
CA GLU B 186 10.13 0.24 -27.18
C GLU B 186 10.00 -1.14 -27.78
N VAL B 187 9.56 -2.12 -26.99
CA VAL B 187 9.45 -3.49 -27.46
C VAL B 187 8.38 -3.57 -28.54
N GLY B 188 7.24 -2.94 -28.29
CA GLY B 188 6.16 -2.88 -29.26
C GLY B 188 6.56 -2.20 -30.56
N GLU B 189 7.44 -1.22 -30.48
CA GLU B 189 7.92 -0.54 -31.67
C GLU B 189 8.80 -1.50 -32.50
N ARG B 190 9.66 -2.23 -31.81
CA ARG B 190 10.50 -3.22 -32.46
C ARG B 190 9.68 -4.33 -33.10
N LEU B 191 8.58 -4.70 -32.45
CA LEU B 191 7.64 -5.65 -33.03
C LEU B 191 7.03 -5.12 -34.31
N GLN B 192 6.61 -3.85 -34.28
CA GLN B 192 6.06 -3.19 -35.45
C GLN B 192 7.10 -3.16 -36.57
N GLN B 193 8.34 -2.82 -36.22
CA GLN B 193 9.38 -2.62 -37.21
C GLN B 193 9.85 -3.92 -37.85
N ARG B 194 10.04 -4.96 -37.04
CA ARG B 194 10.62 -6.20 -37.55
C ARG B 194 9.56 -7.16 -38.11
N HIS B 195 8.33 -7.05 -37.61
CA HIS B 195 7.28 -7.99 -37.99
C HIS B 195 5.99 -7.36 -38.50
N GLY B 196 5.94 -6.04 -38.53
CA GLY B 196 4.79 -5.33 -39.06
C GLY B 196 3.49 -5.49 -38.30
N GLU B 197 3.56 -5.73 -37.00
CA GLU B 197 2.36 -5.85 -36.17
C GLU B 197 2.27 -4.70 -35.18
N ARG B 198 1.18 -3.95 -35.21
N ARG B 198 1.15 -3.99 -35.20
CA ARG B 198 1.06 -2.83 -34.29
CA ARG B 198 0.97 -2.87 -34.29
C ARG B 198 0.84 -3.34 -32.88
C ARG B 198 0.83 -3.37 -32.85
N ASP B 199 1.09 -2.46 -31.91
CA ASP B 199 1.06 -2.79 -30.50
C ASP B 199 -0.34 -2.54 -29.98
N VAL B 200 -1.09 -3.61 -29.70
CA VAL B 200 -2.51 -3.46 -29.34
C VAL B 200 -2.70 -3.22 -27.85
N GLU B 201 -1.60 -3.23 -27.10
CA GLU B 201 -1.71 -3.25 -25.65
C GLU B 201 -1.23 -1.98 -24.98
N VAL B 202 -0.25 -1.31 -25.57
CA VAL B 202 0.48 -0.29 -24.82
C VAL B 202 -0.37 0.95 -24.51
N GLU B 203 -1.33 1.26 -25.36
CA GLU B 203 -2.06 2.52 -25.19
C GLU B 203 -2.87 2.53 -23.90
N ARG B 204 -3.44 1.39 -23.56
CA ARG B 204 -4.15 1.25 -22.29
C ARG B 204 -3.26 1.59 -21.09
N TRP B 205 -2.01 1.13 -21.13
CA TRP B 205 -1.12 1.31 -20.00
C TRP B 205 -0.42 2.65 -20.05
N ARG B 206 -0.23 3.21 -21.24
CA ARG B 206 0.23 4.59 -21.34
C ARG B 206 -0.77 5.53 -20.61
N GLU B 207 -2.05 5.33 -20.86
CA GLU B 207 -3.07 6.15 -20.21
C GLU B 207 -3.09 5.92 -18.71
N ARG B 208 -2.99 4.65 -18.30
CA ARG B 208 -3.00 4.31 -16.89
C ARG B 208 -1.86 5.00 -16.14
N VAL B 209 -0.65 4.90 -16.69
CA VAL B 209 0.50 5.54 -16.07
C VAL B 209 0.30 7.07 -16.02
N ALA B 210 -0.21 7.63 -17.11
CA ALA B 210 -0.40 9.08 -17.21
C ALA B 210 -1.36 9.58 -16.15
N GLN B 211 -2.47 8.86 -15.97
CA GLN B 211 -3.44 9.26 -14.95
C GLN B 211 -2.88 9.12 -13.54
N LEU B 212 -2.14 8.04 -13.28
CA LEU B 212 -1.58 7.83 -11.96
C LEU B 212 -0.57 8.93 -11.65
N LEU B 213 0.25 9.28 -12.64
CA LEU B 213 1.22 10.36 -12.45
C LEU B 213 0.51 11.65 -12.12
N GLU B 214 -0.61 11.88 -12.80
CA GLU B 214 -1.36 13.13 -12.56
C GLU B 214 -1.92 13.17 -11.15
N ARG B 215 -2.41 12.03 -10.69
CA ARG B 215 -2.96 11.94 -9.34
C ARG B 215 -1.88 12.19 -8.29
N TRP B 216 -0.70 11.62 -8.49
CA TRP B 216 0.45 11.82 -7.63
C TRP B 216 0.84 13.30 -7.56
N GLN B 217 0.98 13.92 -8.72
N GLN B 217 0.96 13.91 -8.74
CA GLN B 217 1.33 15.34 -8.75
CA GLN B 217 1.31 15.33 -8.82
C GLN B 217 0.23 16.18 -8.10
C GLN B 217 0.22 16.19 -8.17
N ALA B 218 -1.02 15.74 -8.24
CA ALA B 218 -2.12 16.45 -7.61
C ALA B 218 -2.03 16.34 -6.09
N VAL B 219 -1.64 15.16 -5.57
CA VAL B 219 -1.48 15.01 -4.12
C VAL B 219 -0.42 15.98 -3.62
N LEU B 220 0.69 16.06 -4.35
CA LEU B 220 1.79 16.91 -3.94
C LEU B 220 1.36 18.37 -3.97
N ALA B 221 0.72 18.75 -5.06
CA ALA B 221 0.28 20.14 -5.25
C ALA B 221 -0.81 20.54 -4.26
N GLN B 222 -1.81 19.68 -4.07
CA GLN B 222 -2.95 20.01 -3.23
C GLN B 222 -2.59 19.97 -1.74
N THR B 223 -1.63 19.10 -1.39
CA THR B 223 -1.10 19.06 -0.03
C THR B 223 -0.44 20.39 0.30
N ASP B 224 0.35 20.89 -0.65
CA ASP B 224 1.03 22.16 -0.47
C ASP B 224 0.02 23.31 -0.30
N VAL B 225 -1.03 23.35 -1.14
CA VAL B 225 -2.05 24.39 -1.04
C VAL B 225 -2.71 24.36 0.34
N ARG B 226 -3.02 23.16 0.83
CA ARG B 226 -3.74 23.04 2.10
C ARG B 226 -2.81 23.38 3.25
N GLN B 227 -1.53 23.02 3.13
CA GLN B 227 -0.55 23.37 4.16
C GLN B 227 -0.47 24.89 4.29
N ARG B 228 -0.54 25.59 3.17
CA ARG B 228 -0.51 27.05 3.21
C ARG B 228 -1.82 27.63 3.75
N GLU B 229 -2.96 27.07 3.37
CA GLU B 229 -4.24 27.47 3.97
C GLU B 229 -4.22 27.34 5.50
N LEU B 230 -3.76 26.20 6.01
CA LEU B 230 -3.77 25.95 7.45
C LEU B 230 -2.89 26.96 8.17
N GLU B 231 -1.74 27.29 7.58
CA GLU B 231 -0.85 28.24 8.22
C GLU B 231 -1.50 29.62 8.33
N GLN B 232 -2.46 29.89 7.45
CA GLN B 232 -3.18 31.17 7.47
C GLN B 232 -4.30 31.17 8.51
N LEU B 233 -4.75 30.00 8.92
CA LEU B 233 -5.79 29.92 9.94
C LEU B 233 -5.22 30.20 11.33
N GLY B 234 -3.97 29.82 11.53
CA GLY B 234 -3.32 29.97 12.82
C GLY B 234 -1.86 29.56 12.79
OH2 1PE C . -24.04 34.72 60.19
C12 1PE C . -23.06 35.04 59.20
C22 1PE C . -22.70 33.80 58.40
OH3 1PE C . -23.17 32.66 59.10
C13 1PE C . -22.83 30.50 60.03
C23 1PE C . -22.34 31.50 59.01
OH4 1PE C . -22.33 30.75 61.34
C14 1PE C . -22.55 30.34 63.74
C24 1PE C . -23.11 30.09 62.34
OH5 1PE C . -22.36 31.74 63.98
C15 1PE C . -23.59 33.62 64.97
C25 1PE C . -23.60 32.44 64.01
OH6 1PE C . -24.95 33.93 65.30
C16 1PE C . -26.68 35.50 65.91
C26 1PE C . -25.17 35.27 65.72
OH7 1PE C . -27.13 34.82 67.09
HO2 1PE C . -24.26 35.51 60.69
H121 1PE C . -23.45 35.81 58.53
H122 1PE C . -22.16 35.44 59.68
H221 1PE C . -21.61 33.73 58.28
H222 1PE C . -23.15 33.84 57.41
H131 1PE C . -22.53 29.49 59.72
H132 1PE C . -23.92 30.52 60.06
H231 1PE C . -21.29 31.77 59.22
H232 1PE C . -22.39 31.08 58.00
H141 1PE C . -21.59 29.82 63.84
H142 1PE C . -23.23 29.94 64.49
H241 1PE C . -23.13 29.02 62.15
H242 1PE C . -24.13 30.46 62.30
H151 1PE C . -23.12 34.48 64.49
H152 1PE C . -23.03 33.37 65.87
H251 1PE C . -24.39 31.74 64.31
H252 1PE C . -23.84 32.79 63.00
H161 1PE C . -27.21 35.13 65.04
H162 1PE C . -26.87 36.56 66.00
H261 1PE C . -24.79 35.96 64.97
H262 1PE C . -24.66 35.46 66.65
HO7 1PE C . -28.07 34.98 67.19
OH2 1PE D . 27.66 -32.83 -59.52
C12 1PE D . 26.97 -32.15 -58.47
C22 1PE D . 25.91 -31.27 -59.11
OH3 1PE D . 24.64 -31.89 -58.98
C13 1PE D . 23.55 -31.15 -60.97
C23 1PE D . 23.59 -31.04 -59.45
OH4 1PE D . 22.32 -30.67 -61.51
C14 1PE D . 22.86 -30.31 -63.83
C24 1PE D . 22.10 -31.17 -62.83
OH5 1PE D . 23.35 -31.14 -64.87
C15 1PE D . 25.09 -31.49 -66.51
C25 1PE D . 24.31 -30.46 -65.69
OH6 1PE D . 25.66 -32.48 -65.65
C16 1PE D . 26.94 -34.55 -65.63
C26 1PE D . 26.71 -33.20 -66.31
OH7 1PE D . 26.93 -35.60 -66.61
HO2 1PE D . 28.35 -33.39 -59.14
H121 1PE D . 27.68 -31.52 -57.91
H122 1PE D . 26.52 -32.86 -57.80
H221 1PE D . 26.14 -31.11 -60.16
H222 1PE D . 25.90 -30.29 -58.62
H131 1PE D . 23.71 -32.18 -61.27
H132 1PE D . 24.36 -30.55 -61.39
H231 1PE D . 23.78 -30.01 -59.15
H232 1PE D . 22.63 -31.35 -59.03
H141 1PE D . 23.69 -29.81 -63.32
H142 1PE D . 22.21 -29.53 -64.23
H241 1PE D . 21.03 -31.13 -63.06
H242 1PE D . 22.43 -32.20 -62.90
H151 1PE D . 25.88 -30.98 -67.06
H152 1PE D . 24.42 -31.96 -67.23
H251 1PE D . 24.99 -29.89 -65.07
H252 1PE D . 23.79 -29.78 -66.37
H161 1PE D . 26.16 -34.72 -64.88
H162 1PE D . 27.90 -34.53 -65.11
H261 1PE D . 27.63 -32.61 -66.29
H262 1PE D . 26.44 -33.37 -67.36
HO7 1PE D . 27.08 -36.45 -66.17
C1 EDO E . 3.29 -11.36 -39.48
O1 EDO E . 2.86 -10.00 -39.44
C2 EDO E . 4.55 -11.58 -38.64
O2 EDO E . 5.35 -12.61 -39.22
H11 EDO E . 3.48 -11.65 -40.52
H12 EDO E . 2.49 -12.01 -39.11
HO1 EDO E . 2.06 -9.88 -39.97
H21 EDO E . 4.27 -11.85 -37.63
H22 EDO E . 5.11 -10.64 -38.61
HO2 EDO E . 6.15 -12.73 -38.69
#